data_5K60
#
_entry.id   5K60
#
_cell.length_a   133.838
_cell.length_b   133.838
_cell.length_c   119.066
_cell.angle_alpha   90.00
_cell.angle_beta   90.00
_cell.angle_gamma   90.00
#
_symmetry.space_group_name_H-M   'I 41 2 2'
#
loop_
_entity.id
_entity.type
_entity.pdbx_description
1 polymer Nta1p
2 non-polymer GLUTAMINE
3 non-polymer VALINE
4 water water
#
_entity_poly.entity_id   1
_entity_poly.type   'polypeptide(L)'
_entity_poly.pdbx_seq_one_letter_code
;GSMLIDAIHGAKMSTKLLVSLKVLVIQLNPQIGQVDQTIKRTWSILDKVTKSATYVKPDIILFPEFALTGYSFHARKDIL
PYVTKKDEGPSFELAKSISEKFQCYTIIGYPEEDDEQKLYNSALVVNPQGGQIFNYRKTFLYDTEMNWDCEENPEGFQTF
PMDFSKCAKLSNEDSYNRDVTLKASIGISMDLSPYKFMAPFNHFEFSSFCVDNNVELILCPMAWLNSTSITDKQTLHNNS
LLEAAKNKIAFALKEQGLPLAGSQGIYQLKIGDSQRTPRVPSDDSTSEYKDMDEPDMSNVNYWILRFFPFLYFKLRINWF
KNSSLIESILGKTRMPLDHEYYKDGKHKEDTIDLLDSEEVIKDTVLEKTFLGTSLGQPWKFQGKNAILVLANRCGTEDGT
TIFAGSSGIYKFNGKKPKGSQDDDESSLDSLNESVELLGNLGKGLEGAILREVQFEVFR
;
_entity_poly.pdbx_strand_id   A
#
# COMPACT_ATOMS: atom_id res chain seq x y z
N THR A 15 25.92 5.28 -11.71
CA THR A 15 26.03 3.96 -12.32
C THR A 15 24.70 3.21 -12.26
N LYS A 16 24.24 2.71 -13.40
CA LYS A 16 23.00 1.95 -13.47
C LYS A 16 23.18 0.56 -12.86
N LEU A 17 22.23 0.18 -12.02
CA LEU A 17 22.28 -1.12 -11.37
C LEU A 17 20.96 -1.83 -11.61
N LEU A 18 21.03 -3.03 -12.20
CA LEU A 18 19.82 -3.82 -12.44
C LEU A 18 19.47 -4.64 -11.21
N VAL A 19 18.18 -4.69 -10.89
CA VAL A 19 17.72 -5.38 -9.69
C VAL A 19 16.64 -6.41 -10.04
N SER A 20 16.65 -7.52 -9.33
CA SER A 20 15.62 -8.53 -9.51
C SER A 20 15.14 -8.95 -8.13
N LEU A 21 13.87 -8.72 -7.88
CA LEU A 21 13.26 -8.97 -6.58
C LEU A 21 12.13 -9.96 -6.75
N LYS A 22 12.12 -10.99 -5.90
CA LYS A 22 11.01 -11.91 -5.91
C LYS A 22 10.05 -11.46 -4.82
N VAL A 23 8.87 -11.01 -5.24
CA VAL A 23 7.93 -10.35 -4.31
C VAL A 23 6.70 -11.20 -4.10
N LEU A 24 6.41 -11.54 -2.84
CA LEU A 24 5.24 -12.33 -2.51
C LEU A 24 4.27 -11.46 -1.69
N VAL A 25 3.02 -11.40 -2.14
CA VAL A 25 1.95 -10.68 -1.42
C VAL A 25 0.93 -11.68 -0.91
N ILE A 26 0.59 -11.58 0.37
CA ILE A 26 -0.43 -12.44 0.97
C ILE A 26 -1.73 -11.66 1.17
N GLN A 27 -2.83 -12.21 0.68
CA GLN A 27 -4.11 -11.55 0.80
C GLN A 27 -5.01 -12.33 1.73
N LEU A 28 -5.41 -11.71 2.83
CA LEU A 28 -6.20 -12.38 3.87
C LEU A 28 -7.55 -11.70 4.15
N ASN A 29 -8.48 -12.48 4.70
CA ASN A 29 -9.77 -12.03 5.23
C ASN A 29 -9.83 -12.30 6.73
N PRO A 30 -9.08 -11.51 7.51
CA PRO A 30 -9.08 -11.66 8.97
C PRO A 30 -10.36 -11.13 9.59
N GLN A 31 -10.91 -11.86 10.56
CA GLN A 31 -12.07 -11.35 11.27
C GLN A 31 -11.72 -11.21 12.74
N ILE A 32 -12.35 -10.23 13.40
CA ILE A 32 -12.02 -9.90 14.78
C ILE A 32 -12.28 -11.12 15.67
N GLY A 33 -11.28 -11.43 16.48
CA GLY A 33 -11.36 -12.57 17.38
C GLY A 33 -10.99 -13.92 16.79
N GLN A 34 -10.41 -13.93 15.59
CA GLN A 34 -10.00 -15.17 14.93
C GLN A 34 -8.48 -15.22 14.68
N VAL A 35 -7.70 -14.54 15.51
CA VAL A 35 -6.26 -14.41 15.26
C VAL A 35 -5.57 -15.76 15.06
N ASP A 36 -5.85 -16.72 15.96
CA ASP A 36 -5.25 -18.06 15.84
C ASP A 36 -5.66 -18.76 14.54
N GLN A 37 -6.92 -18.61 14.14
CA GLN A 37 -7.40 -19.22 12.90
C GLN A 37 -6.73 -18.59 11.68
N THR A 38 -6.57 -17.27 11.71
CA THR A 38 -5.94 -16.55 10.60
C THR A 38 -4.46 -16.93 10.46
N ILE A 39 -3.77 -17.06 11.59
CA ILE A 39 -2.39 -17.53 11.59
C ILE A 39 -2.31 -18.93 10.97
N LYS A 40 -3.21 -19.83 11.34
CA LYS A 40 -3.22 -21.17 10.78
C LYS A 40 -3.45 -21.13 9.27
N ARG A 41 -4.39 -20.32 8.82
CA ARG A 41 -4.63 -20.18 7.38
C ARG A 41 -3.40 -19.59 6.65
N THR A 42 -2.69 -18.69 7.33
CA THR A 42 -1.50 -18.09 6.75
C THR A 42 -0.43 -19.15 6.47
N TRP A 43 -0.25 -20.07 7.40
CA TRP A 43 0.76 -21.13 7.24
C TRP A 43 0.33 -22.11 6.17
N SER A 44 -0.98 -22.35 6.09
CA SER A 44 -1.55 -23.14 5.00
C SER A 44 -1.27 -22.51 3.63
N ILE A 45 -1.49 -21.22 3.51
CA ILE A 45 -1.20 -20.51 2.26
C ILE A 45 0.28 -20.63 1.88
N LEU A 46 1.15 -20.35 2.85
CA LEU A 46 2.59 -20.40 2.61
C LEU A 46 3.06 -21.81 2.22
N ASP A 47 2.44 -22.83 2.80
CA ASP A 47 2.75 -24.20 2.42
C ASP A 47 2.40 -24.43 0.95
N LYS A 48 1.19 -24.04 0.56
CA LYS A 48 0.73 -24.22 -0.80
C LYS A 48 1.62 -23.45 -1.77
N VAL A 49 2.09 -22.28 -1.34
CA VAL A 49 2.97 -21.46 -2.17
C VAL A 49 4.26 -22.21 -2.50
N THR A 50 4.90 -22.81 -1.49
CA THR A 50 6.16 -23.52 -1.70
C THR A 50 6.00 -24.76 -2.58
N LYS A 51 4.80 -25.31 -2.61
CA LYS A 51 4.53 -26.52 -3.38
C LYS A 51 4.15 -26.19 -4.82
N SER A 52 4.05 -24.90 -5.12
CA SER A 52 3.67 -24.46 -6.46
C SER A 52 4.72 -24.83 -7.53
N ALA A 53 4.23 -25.16 -8.71
CA ALA A 53 5.10 -25.56 -9.82
C ALA A 53 6.20 -24.54 -10.11
N THR A 54 5.86 -23.26 -10.07
CA THR A 54 6.87 -22.24 -10.38
C THR A 54 7.23 -21.39 -9.17
N TYR A 55 7.20 -22.00 -7.99
CA TYR A 55 7.70 -21.34 -6.79
C TYR A 55 9.17 -20.99 -6.90
N VAL A 56 9.49 -19.79 -6.45
CA VAL A 56 10.87 -19.38 -6.17
C VAL A 56 10.84 -18.66 -4.83
N LYS A 57 11.97 -18.65 -4.12
CA LYS A 57 11.98 -18.07 -2.77
C LYS A 57 11.81 -16.56 -2.84
N PRO A 58 10.84 -16.02 -2.09
CA PRO A 58 10.66 -14.57 -2.08
C PRO A 58 11.79 -13.84 -1.37
N ASP A 59 12.10 -12.63 -1.84
CA ASP A 59 12.99 -11.72 -1.13
C ASP A 59 12.23 -10.87 -0.14
N ILE A 60 10.94 -10.70 -0.39
CA ILE A 60 10.13 -9.85 0.46
C ILE A 60 8.70 -10.38 0.45
N ILE A 61 8.08 -10.39 1.62
CA ILE A 61 6.71 -10.87 1.77
C ILE A 61 5.90 -9.77 2.46
N LEU A 62 4.78 -9.38 1.86
CA LEU A 62 3.96 -8.28 2.38
C LEU A 62 2.55 -8.74 2.70
N PHE A 63 2.08 -8.37 3.89
CA PHE A 63 0.75 -8.68 4.37
C PHE A 63 -0.10 -7.39 4.38
N PRO A 64 -1.42 -7.53 4.53
CA PRO A 64 -2.29 -6.35 4.59
C PRO A 64 -2.22 -5.57 5.91
N GLU A 65 -2.93 -4.43 5.91
CA GLU A 65 -3.22 -3.65 7.10
C GLU A 65 -3.99 -4.50 8.09
N PHE A 66 -3.59 -4.45 9.37
CA PHE A 66 -4.19 -5.26 10.44
C PHE A 66 -4.45 -6.71 9.99
N ALA A 67 -3.39 -7.36 9.51
CA ALA A 67 -3.51 -8.61 8.78
C ALA A 67 -4.07 -9.78 9.58
N LEU A 68 -3.78 -9.85 10.87
CA LEU A 68 -4.22 -10.98 11.68
C LEU A 68 -5.44 -10.69 12.56
N THR A 69 -5.79 -9.43 12.70
CA THR A 69 -6.70 -9.02 13.77
C THR A 69 -8.11 -8.62 13.31
N GLY A 70 -8.27 -8.31 12.02
CA GLY A 70 -9.51 -7.71 11.54
C GLY A 70 -9.36 -6.20 11.65
N TYR A 71 -10.33 -5.45 11.13
CA TYR A 71 -10.11 -4.03 10.94
C TYR A 71 -11.09 -3.13 11.70
N SER A 72 -12.39 -3.49 11.70
CA SER A 72 -13.42 -2.55 12.14
C SER A 72 -13.66 -2.54 13.65
N PHE A 73 -12.70 -2.03 14.41
CA PHE A 73 -12.85 -1.90 15.86
C PHE A 73 -13.64 -0.64 16.20
N HIS A 74 -14.61 -0.77 17.11
CA HIS A 74 -15.58 0.31 17.36
C HIS A 74 -15.31 1.07 18.66
N ALA A 75 -14.36 0.58 19.44
CA ALA A 75 -14.04 1.16 20.73
C ALA A 75 -12.64 0.77 21.14
N ARG A 76 -11.98 1.64 21.91
CA ARG A 76 -10.67 1.34 22.45
C ARG A 76 -10.67 0.01 23.22
N LYS A 77 -11.70 -0.22 24.03
CA LYS A 77 -11.78 -1.47 24.80
C LYS A 77 -11.80 -2.72 23.92
N ASP A 78 -12.40 -2.61 22.74
CA ASP A 78 -12.50 -3.76 21.84
C ASP A 78 -11.17 -4.12 21.18
N ILE A 79 -10.29 -3.15 20.99
CA ILE A 79 -9.04 -3.44 20.27
C ILE A 79 -7.93 -3.80 21.25
N LEU A 80 -8.10 -3.37 22.51
CA LEU A 80 -7.06 -3.59 23.52
C LEU A 80 -6.61 -5.05 23.68
N PRO A 81 -7.52 -6.02 23.53
CA PRO A 81 -7.04 -7.41 23.66
C PRO A 81 -6.16 -7.89 22.49
N TYR A 82 -5.99 -7.07 21.46
CA TYR A 82 -5.26 -7.51 20.26
C TYR A 82 -4.04 -6.67 19.97
N VAL A 83 -3.84 -5.59 20.74
CA VAL A 83 -2.71 -4.71 20.53
C VAL A 83 -1.44 -5.36 21.07
N THR A 84 -0.29 -4.99 20.51
CA THR A 84 0.99 -5.52 20.99
C THR A 84 2.06 -4.44 20.88
N LYS A 85 3.15 -4.60 21.61
CA LYS A 85 4.34 -3.80 21.36
C LYS A 85 4.87 -4.20 19.99
N LYS A 86 5.66 -3.33 19.38
CA LYS A 86 6.16 -3.56 18.03
C LYS A 86 7.07 -4.78 17.93
N ASP A 87 7.58 -5.27 19.05
CA ASP A 87 8.51 -6.40 19.01
C ASP A 87 8.07 -7.55 19.90
N GLU A 88 6.77 -7.63 20.14
CA GLU A 88 6.18 -8.72 20.91
C GLU A 88 4.89 -9.15 20.25
N GLY A 89 4.44 -10.35 20.56
CA GLY A 89 3.09 -10.75 20.20
C GLY A 89 2.95 -11.47 18.87
N PRO A 90 1.72 -11.90 18.57
CA PRO A 90 1.42 -12.81 17.45
C PRO A 90 1.88 -12.29 16.09
N SER A 91 1.63 -11.02 15.77
CA SER A 91 2.00 -10.52 14.44
C SER A 91 3.53 -10.46 14.28
N PHE A 92 4.20 -9.98 15.31
CA PHE A 92 5.65 -9.93 15.29
C PHE A 92 6.25 -11.33 15.19
N GLU A 93 5.75 -12.25 16.01
CA GLU A 93 6.29 -13.60 16.05
C GLU A 93 6.04 -14.32 14.72
N LEU A 94 4.87 -14.12 14.14
CA LEU A 94 4.61 -14.67 12.81
C LEU A 94 5.63 -14.17 11.77
N ALA A 95 5.85 -12.85 11.75
CA ALA A 95 6.77 -12.25 10.78
C ALA A 95 8.21 -12.72 11.00
N LYS A 96 8.58 -12.91 12.27
CA LYS A 96 9.92 -13.39 12.59
C LYS A 96 10.09 -14.82 12.11
N SER A 97 9.08 -15.67 12.33
CA SER A 97 9.18 -17.07 11.91
C SER A 97 9.18 -17.17 10.39
N ILE A 98 8.31 -16.40 9.74
CA ILE A 98 8.28 -16.35 8.29
C ILE A 98 9.63 -15.93 7.73
N SER A 99 10.16 -14.83 8.25
CA SER A 99 11.42 -14.28 7.78
C SER A 99 12.57 -15.28 7.97
N GLU A 100 12.51 -16.06 9.04
CA GLU A 100 13.55 -17.01 9.34
C GLU A 100 13.46 -18.25 8.45
N LYS A 101 12.24 -18.68 8.17
CA LYS A 101 12.02 -19.86 7.33
C LYS A 101 12.24 -19.58 5.85
N PHE A 102 12.06 -18.33 5.43
CA PHE A 102 12.21 -17.99 4.01
C PHE A 102 13.40 -17.08 3.76
N GLN A 103 14.15 -16.78 4.81
CA GLN A 103 15.29 -15.86 4.73
C GLN A 103 14.95 -14.61 3.93
N CYS A 104 13.86 -13.94 4.33
CA CYS A 104 13.34 -12.81 3.59
C CYS A 104 12.99 -11.65 4.52
N TYR A 105 12.67 -10.50 3.93
CA TYR A 105 12.01 -9.43 4.66
C TYR A 105 10.52 -9.74 4.73
N THR A 106 9.92 -9.51 5.89
CA THR A 106 8.49 -9.72 6.05
C THR A 106 7.90 -8.44 6.64
N ILE A 107 6.82 -7.94 6.03
CA ILE A 107 6.14 -6.73 6.52
C ILE A 107 4.67 -7.05 6.81
N ILE A 108 4.19 -6.70 8.01
CA ILE A 108 2.83 -7.05 8.40
C ILE A 108 2.19 -5.91 9.19
N GLY A 109 0.91 -5.65 8.90
CA GLY A 109 0.17 -4.62 9.60
C GLY A 109 -0.46 -5.16 10.85
N TYR A 110 -0.46 -4.36 11.92
CA TYR A 110 -0.88 -4.85 13.21
C TYR A 110 -1.21 -3.66 14.09
N PRO A 111 -2.11 -3.85 15.07
CA PRO A 111 -2.41 -2.79 16.03
C PRO A 111 -1.33 -2.71 17.12
N GLU A 112 -0.72 -1.54 17.25
CA GLU A 112 0.40 -1.37 18.17
C GLU A 112 0.03 -0.59 19.41
N GLU A 113 0.62 -0.97 20.54
CA GLU A 113 0.61 -0.13 21.75
C GLU A 113 2.05 0.17 22.17
N ASP A 114 2.35 1.42 22.53
CA ASP A 114 3.69 1.74 22.99
C ASP A 114 3.76 1.78 24.52
N ASP A 115 4.96 1.97 25.04
CA ASP A 115 5.19 1.89 26.48
C ASP A 115 4.42 2.96 27.25
N GLU A 116 3.99 4.00 26.54
CA GLU A 116 3.23 5.08 27.16
C GLU A 116 1.72 4.90 26.95
N GLN A 117 1.34 3.69 26.53
CA GLN A 117 -0.07 3.34 26.34
C GLN A 117 -0.75 4.08 25.18
N LYS A 118 0.04 4.54 24.22
CA LYS A 118 -0.53 5.16 23.02
C LYS A 118 -0.77 4.06 21.97
N LEU A 119 -1.82 4.24 21.16
CA LEU A 119 -2.22 3.24 20.18
C LEU A 119 -1.97 3.72 18.75
N TYR A 120 -1.47 2.83 17.89
CA TYR A 120 -1.26 3.15 16.49
C TYR A 120 -1.68 2.01 15.56
N ASN A 121 -1.85 2.37 14.30
CA ASN A 121 -2.09 1.43 13.22
C ASN A 121 -0.76 1.30 12.48
N SER A 122 -0.11 0.15 12.63
CA SER A 122 1.31 0.07 12.27
C SER A 122 1.63 -1.08 11.32
N ALA A 123 2.86 -1.03 10.80
CA ALA A 123 3.40 -2.08 9.96
C ALA A 123 4.83 -2.31 10.38
N LEU A 124 5.13 -3.51 10.85
CA LEU A 124 6.48 -3.82 11.30
C LEU A 124 7.26 -4.56 10.22
N VAL A 125 8.57 -4.35 10.19
CA VAL A 125 9.45 -4.95 9.18
C VAL A 125 10.53 -5.80 9.85
N VAL A 126 10.58 -7.08 9.48
CA VAL A 126 11.59 -8.01 9.98
C VAL A 126 12.54 -8.38 8.86
N ASN A 127 13.84 -8.45 9.17
CA ASN A 127 14.83 -8.81 8.16
C ASN A 127 15.04 -10.32 8.12
N PRO A 128 15.83 -10.80 7.15
CA PRO A 128 16.07 -12.24 6.98
C PRO A 128 16.72 -12.91 8.19
N GLN A 129 17.32 -12.12 9.07
CA GLN A 129 17.91 -12.66 10.28
C GLN A 129 16.88 -12.84 11.38
N GLY A 130 15.66 -12.36 11.12
CA GLY A 130 14.60 -12.40 12.11
C GLY A 130 14.64 -11.21 13.04
N GLY A 131 15.37 -10.17 12.65
CA GLY A 131 15.47 -8.96 13.44
C GLY A 131 14.51 -7.89 12.96
N GLN A 132 13.88 -7.17 13.89
CA GLN A 132 13.01 -6.08 13.52
C GLN A 132 13.82 -4.85 13.16
N ILE A 133 13.71 -4.40 11.92
CA ILE A 133 14.50 -3.25 11.47
C ILE A 133 13.72 -1.97 11.37
N PHE A 134 12.40 -2.05 11.30
CA PHE A 134 11.60 -0.84 11.15
C PHE A 134 10.18 -1.04 11.61
N ASN A 135 9.54 0.04 12.06
CA ASN A 135 8.14 0.03 12.46
C ASN A 135 7.50 1.33 12.01
N TYR A 136 6.56 1.23 11.06
CA TYR A 136 5.93 2.41 10.50
C TYR A 136 4.53 2.56 11.04
N ARG A 137 4.14 3.78 11.34
CA ARG A 137 2.80 4.05 11.83
C ARG A 137 2.00 4.83 10.79
N LYS A 138 0.72 4.46 10.66
CA LYS A 138 -0.19 5.11 9.72
C LYS A 138 -0.20 6.62 9.96
N THR A 139 -0.17 7.38 8.88
CA THR A 139 0.03 8.82 8.96
C THR A 139 -1.27 9.59 8.70
N PHE A 140 -2.04 9.17 7.71
CA PHE A 140 -3.39 9.71 7.49
C PHE A 140 -4.40 8.70 8.01
N LEU A 141 -5.22 9.08 8.99
CA LEU A 141 -6.15 8.12 9.58
C LEU A 141 -7.52 8.15 8.91
N TYR A 142 -8.20 7.01 8.97
CA TYR A 142 -9.54 6.86 8.42
C TYR A 142 -10.52 6.97 9.60
N ASP A 143 -11.79 7.21 9.31
CA ASP A 143 -12.84 7.28 10.35
C ASP A 143 -12.76 6.17 11.40
N THR A 144 -12.52 4.94 10.96
CA THR A 144 -12.51 3.82 11.88
C THR A 144 -11.45 3.95 12.98
N GLU A 145 -10.29 4.48 12.62
CA GLU A 145 -9.20 4.64 13.58
C GLU A 145 -9.62 5.58 14.71
N MET A 146 -10.43 6.57 14.38
CA MET A 146 -10.91 7.50 15.39
C MET A 146 -11.83 6.82 16.42
N ASN A 147 -12.40 5.68 16.06
CA ASN A 147 -13.23 4.93 17.01
C ASN A 147 -12.46 4.48 18.24
N TRP A 148 -11.17 4.19 18.08
CA TRP A 148 -10.43 3.55 19.14
C TRP A 148 -9.19 4.30 19.60
N ASP A 149 -9.15 5.60 19.34
CA ASP A 149 -8.11 6.48 19.87
C ASP A 149 -6.76 6.31 19.19
N CYS A 150 -6.78 5.84 17.95
CA CYS A 150 -5.54 5.71 17.18
C CYS A 150 -4.86 7.07 17.01
N GLU A 151 -3.52 7.07 17.08
CA GLU A 151 -2.71 8.27 16.88
C GLU A 151 -2.23 8.40 15.45
N GLU A 152 -1.97 9.62 15.00
CA GLU A 152 -1.26 9.84 13.74
C GLU A 152 0.23 9.64 13.98
N ASN A 153 0.93 9.13 12.97
CA ASN A 153 2.37 9.00 13.03
C ASN A 153 3.00 10.36 13.26
N PRO A 154 3.66 10.56 14.41
CA PRO A 154 4.22 11.88 14.68
C PRO A 154 5.40 12.21 13.78
N GLU A 155 5.96 11.20 13.11
CA GLU A 155 7.03 11.44 12.15
C GLU A 155 6.54 11.75 10.73
N GLY A 156 5.23 11.63 10.50
CA GLY A 156 4.70 11.75 9.16
C GLY A 156 5.20 10.60 8.28
N PHE A 157 5.17 10.79 6.97
CA PHE A 157 5.64 9.77 6.03
C PHE A 157 7.13 9.52 6.27
N GLN A 158 7.58 8.29 6.07
CA GLN A 158 8.96 7.93 6.38
C GLN A 158 9.57 7.03 5.32
N THR A 159 10.88 7.09 5.17
CA THR A 159 11.58 6.12 4.33
C THR A 159 12.55 5.32 5.19
N PHE A 160 13.05 4.22 4.66
CA PHE A 160 14.03 3.41 5.34
C PHE A 160 14.78 2.53 4.34
N PRO A 161 16.03 2.17 4.66
CA PRO A 161 16.80 1.28 3.78
C PRO A 161 16.44 -0.20 3.98
N MET A 162 16.46 -0.95 2.89
CA MET A 162 16.38 -2.40 2.95
C MET A 162 17.55 -3.01 2.20
N ASP A 163 18.43 -3.71 2.91
CA ASP A 163 19.59 -4.36 2.30
C ASP A 163 19.20 -5.68 1.66
N PHE A 164 19.23 -5.74 0.33
CA PHE A 164 18.91 -6.98 -0.35
C PHE A 164 20.19 -7.68 -0.80
N SER A 165 20.27 -8.97 -0.50
CA SER A 165 21.44 -9.77 -0.85
C SER A 165 21.24 -10.49 -2.17
N LYS A 166 22.22 -10.37 -3.06
CA LYS A 166 22.21 -11.15 -4.30
C LYS A 166 21.00 -10.87 -5.17
N CYS A 167 20.74 -9.58 -5.41
CA CYS A 167 19.53 -9.16 -6.10
C CYS A 167 19.84 -8.16 -7.22
N ALA A 168 21.12 -7.97 -7.52
CA ALA A 168 21.53 -6.86 -8.38
C ALA A 168 22.73 -7.19 -9.25
N LYS A 169 22.84 -6.51 -10.39
CA LYS A 169 23.96 -6.69 -11.31
C LYS A 169 24.20 -5.42 -12.14
N LEU A 170 25.42 -5.27 -12.64
CA LEU A 170 25.67 -4.24 -13.64
C LEU A 170 25.03 -4.73 -14.93
N SER A 171 24.79 -3.82 -15.87
CA SER A 171 23.98 -4.13 -17.03
C SER A 171 24.60 -5.15 -17.98
N ASN A 172 25.93 -5.30 -17.94
CA ASN A 172 26.60 -6.24 -18.83
C ASN A 172 26.84 -7.59 -18.17
N GLU A 173 26.36 -7.74 -16.93
CA GLU A 173 26.57 -8.98 -16.18
C GLU A 173 25.41 -9.95 -16.40
N ASP A 174 25.70 -11.25 -16.23
CA ASP A 174 24.77 -12.31 -16.63
C ASP A 174 24.04 -12.99 -15.46
N SER A 175 24.37 -12.61 -14.23
CA SER A 175 23.61 -13.07 -13.07
C SER A 175 23.46 -11.98 -12.01
N TYR A 176 22.44 -12.13 -11.15
CA TYR A 176 22.21 -11.17 -10.08
C TYR A 176 22.97 -11.55 -8.83
N ASN A 177 24.24 -11.19 -8.79
CA ASN A 177 25.16 -11.64 -7.76
C ASN A 177 25.61 -10.51 -6.85
N ARG A 178 25.14 -9.30 -7.11
CA ARG A 178 25.49 -8.15 -6.28
C ARG A 178 24.41 -7.84 -5.24
N ASP A 179 24.80 -7.10 -4.21
CA ASP A 179 23.86 -6.63 -3.21
C ASP A 179 23.36 -5.24 -3.58
N VAL A 180 22.23 -4.84 -3.00
CA VAL A 180 21.74 -3.48 -3.19
C VAL A 180 20.90 -3.06 -2.00
N THR A 181 21.10 -1.83 -1.56
CA THR A 181 20.26 -1.25 -0.53
C THR A 181 19.23 -0.38 -1.21
N LEU A 182 17.98 -0.80 -1.18
CA LEU A 182 16.89 -0.03 -1.76
C LEU A 182 16.29 0.92 -0.73
N LYS A 183 15.94 2.11 -1.18
CA LYS A 183 15.23 3.08 -0.35
C LYS A 183 13.75 2.75 -0.41
N ALA A 184 13.16 2.43 0.72
CA ALA A 184 11.79 1.96 0.71
C ALA A 184 10.89 2.93 1.45
N SER A 185 9.58 2.81 1.23
CA SER A 185 8.63 3.56 2.04
C SER A 185 7.35 2.75 2.19
N ILE A 186 6.79 2.76 3.40
CA ILE A 186 5.52 2.10 3.63
C ILE A 186 4.42 3.16 3.71
N GLY A 187 3.31 2.90 3.02
CA GLY A 187 2.11 3.72 3.15
C GLY A 187 0.93 2.82 3.47
N ILE A 188 0.23 3.09 4.57
CA ILE A 188 -0.89 2.25 4.96
C ILE A 188 -2.20 2.89 4.47
N SER A 189 -2.93 2.15 3.63
CA SER A 189 -4.22 2.56 3.01
C SER A 189 -4.49 4.07 2.88
N MET A 190 -5.16 4.65 3.88
CA MET A 190 -5.53 6.06 3.84
C MET A 190 -4.36 7.04 3.60
N ASP A 191 -3.13 6.61 3.88
CA ASP A 191 -1.95 7.41 3.53
C ASP A 191 -2.00 7.87 2.08
N LEU A 192 -2.60 7.05 1.22
CA LEU A 192 -2.67 7.37 -0.21
C LEU A 192 -3.72 8.41 -0.59
N SER A 193 -4.66 8.68 0.32
CA SER A 193 -5.77 9.59 0.06
C SER A 193 -5.41 11.03 0.38
N PRO A 194 -6.18 11.98 -0.16
CA PRO A 194 -6.08 13.36 0.35
C PRO A 194 -6.34 13.34 1.85
N TYR A 195 -5.55 14.11 2.59
CA TYR A 195 -5.66 14.21 4.03
C TYR A 195 -7.12 14.44 4.49
N LYS A 196 -7.60 13.54 5.35
CA LYS A 196 -8.96 13.57 5.87
C LYS A 196 -10.07 13.58 4.82
N PHE A 197 -9.72 13.26 3.57
CA PHE A 197 -10.64 13.40 2.44
C PHE A 197 -11.04 14.86 2.23
N MET A 198 -10.29 15.79 2.82
CA MET A 198 -10.67 17.20 2.75
C MET A 198 -9.64 18.04 1.96
N ALA A 199 -8.37 17.64 2.02
CA ALA A 199 -7.32 18.31 1.25
C ALA A 199 -7.60 18.23 -0.24
N PRO A 200 -7.02 19.16 -1.02
CA PRO A 200 -7.18 19.13 -2.48
C PRO A 200 -6.72 17.77 -3.06
N PHE A 201 -7.47 17.24 -4.02
CA PHE A 201 -7.16 15.95 -4.60
C PHE A 201 -5.77 15.94 -5.21
N ASN A 202 -5.36 17.06 -5.80
CA ASN A 202 -4.11 17.08 -6.54
C ASN A 202 -2.86 17.31 -5.69
N HIS A 203 -2.99 17.32 -4.38
CA HIS A 203 -1.80 17.32 -3.52
C HIS A 203 -1.03 16.01 -3.61
N PHE A 204 -1.74 14.90 -3.84
CA PHE A 204 -1.11 13.58 -3.89
C PHE A 204 0.00 13.47 -2.86
N GLU A 205 -0.35 13.63 -1.58
CA GLU A 205 0.66 13.77 -0.52
C GLU A 205 1.65 12.61 -0.45
N PHE A 206 1.14 11.38 -0.40
CA PHE A 206 2.03 10.24 -0.20
C PHE A 206 2.91 9.98 -1.42
N SER A 207 2.32 9.95 -2.61
CA SER A 207 3.12 9.63 -3.79
C SER A 207 4.06 10.77 -4.14
N SER A 208 3.68 11.99 -3.77
CA SER A 208 4.60 13.13 -3.91
C SER A 208 5.80 12.96 -2.99
N PHE A 209 5.54 12.58 -1.74
CA PHE A 209 6.61 12.29 -0.78
C PHE A 209 7.57 11.20 -1.29
N CYS A 210 7.01 10.16 -1.89
CA CYS A 210 7.85 9.09 -2.42
C CYS A 210 8.73 9.59 -3.56
N VAL A 211 8.14 10.36 -4.48
CA VAL A 211 8.90 10.95 -5.58
C VAL A 211 9.94 11.95 -5.05
N ASP A 212 9.53 12.80 -4.11
CA ASP A 212 10.44 13.79 -3.50
C ASP A 212 11.69 13.14 -2.92
N ASN A 213 11.48 12.02 -2.23
CA ASN A 213 12.58 11.36 -1.53
C ASN A 213 13.24 10.24 -2.34
N ASN A 214 12.91 10.16 -3.63
CA ASN A 214 13.53 9.19 -4.53
C ASN A 214 13.36 7.76 -4.05
N VAL A 215 12.15 7.44 -3.58
CA VAL A 215 11.84 6.10 -3.12
C VAL A 215 11.78 5.12 -4.29
N GLU A 216 12.30 3.91 -4.05
CA GLU A 216 12.45 2.91 -5.10
C GLU A 216 11.47 1.76 -4.91
N LEU A 217 11.18 1.45 -3.65
CA LEU A 217 10.28 0.35 -3.33
C LEU A 217 9.17 0.88 -2.42
N ILE A 218 7.96 0.93 -2.95
CA ILE A 218 6.80 1.42 -2.22
C ILE A 218 5.93 0.23 -1.75
N LEU A 219 5.69 0.12 -0.45
CA LEU A 219 4.99 -1.01 0.16
C LEU A 219 3.71 -0.55 0.84
N CYS A 220 2.58 -1.10 0.43
CA CYS A 220 1.30 -0.62 0.95
C CYS A 220 0.41 -1.72 1.49
N PRO A 221 0.51 -2.00 2.79
CA PRO A 221 -0.51 -2.80 3.48
C PRO A 221 -1.81 -2.01 3.52
N MET A 222 -2.93 -2.60 3.12
CA MET A 222 -4.16 -1.81 3.05
C MET A 222 -5.38 -2.58 3.56
N ALA A 223 -6.38 -1.84 4.03
CA ALA A 223 -7.71 -2.39 4.24
C ALA A 223 -8.67 -1.46 3.52
N TRP A 224 -8.62 -1.53 2.19
CA TRP A 224 -9.23 -0.51 1.33
C TRP A 224 -10.58 -1.00 0.81
N LEU A 225 -11.58 -0.13 0.85
CA LEU A 225 -12.97 -0.51 0.57
C LEU A 225 -13.35 -0.56 -0.90
N ASN A 226 -14.13 -1.60 -1.24
CA ASN A 226 -14.93 -1.59 -2.46
C ASN A 226 -16.11 -0.61 -2.28
N SER A 227 -16.47 0.14 -3.32
CA SER A 227 -17.42 1.24 -3.15
C SER A 227 -18.88 0.78 -2.99
N THR A 228 -19.10 -0.53 -3.03
CA THR A 228 -20.40 -1.10 -2.61
C THR A 228 -20.62 -0.93 -1.12
N SER A 229 -19.54 -0.65 -0.39
CA SER A 229 -19.62 -0.44 1.06
C SER A 229 -20.56 0.70 1.45
N ILE A 230 -21.13 0.60 2.64
CA ILE A 230 -21.97 1.68 3.15
C ILE A 230 -21.11 2.70 3.86
N THR A 231 -20.97 3.88 3.28
CA THR A 231 -20.11 4.90 3.88
C THR A 231 -20.84 6.23 4.08
N ASP A 232 -22.03 6.38 3.48
CA ASP A 232 -22.82 7.61 3.62
C ASP A 232 -23.18 7.88 5.07
N LYS A 233 -22.78 9.04 5.59
CA LYS A 233 -22.90 9.28 7.02
C LYS A 233 -24.36 9.36 7.49
N GLN A 234 -25.24 9.91 6.67
CA GLN A 234 -26.63 10.02 7.09
C GLN A 234 -27.27 8.63 7.16
N THR A 235 -26.87 7.76 6.24
CA THR A 235 -27.32 6.37 6.26
C THR A 235 -26.83 5.63 7.51
N LEU A 236 -25.56 5.81 7.85
CA LEU A 236 -24.98 5.12 9.00
C LEU A 236 -25.60 5.53 10.34
N HIS A 237 -26.21 6.70 10.38
CA HIS A 237 -26.72 7.24 11.65
C HIS A 237 -28.24 7.41 11.66
N ASN A 238 -28.89 6.71 10.73
CA ASN A 238 -30.33 6.60 10.68
C ASN A 238 -30.64 5.11 10.60
N ASN A 239 -31.14 4.54 11.69
CA ASN A 239 -31.24 3.10 11.80
C ASN A 239 -32.14 2.47 10.74
N SER A 240 -33.16 3.20 10.32
CA SER A 240 -34.05 2.73 9.25
C SER A 240 -33.32 2.64 7.90
N LEU A 241 -32.60 3.70 7.55
CA LEU A 241 -31.82 3.70 6.33
C LEU A 241 -30.68 2.66 6.38
N LEU A 242 -30.12 2.48 7.57
CA LEU A 242 -29.00 1.56 7.75
C LEU A 242 -29.45 0.13 7.55
N GLU A 243 -30.60 -0.21 8.12
CA GLU A 243 -31.15 -1.56 8.01
C GLU A 243 -31.43 -1.88 6.55
N ALA A 244 -31.96 -0.92 5.80
CA ALA A 244 -32.22 -1.13 4.38
C ALA A 244 -30.92 -1.31 3.62
N ALA A 245 -29.90 -0.52 3.98
CA ALA A 245 -28.62 -0.59 3.31
C ALA A 245 -27.95 -1.94 3.58
N LYS A 246 -28.03 -2.41 4.82
CA LYS A 246 -27.44 -3.69 5.19
C LYS A 246 -28.08 -4.85 4.44
N ASN A 247 -29.41 -4.77 4.21
CA ASN A 247 -30.10 -5.78 3.41
C ASN A 247 -29.53 -5.86 1.99
N LYS A 248 -29.16 -4.72 1.42
CA LYS A 248 -28.59 -4.67 0.08
C LYS A 248 -27.27 -5.42 0.00
N ILE A 249 -26.43 -5.23 1.01
CA ILE A 249 -25.13 -5.92 1.04
C ILE A 249 -25.31 -7.41 1.32
N ALA A 250 -26.20 -7.75 2.24
CA ALA A 250 -26.52 -9.15 2.51
C ALA A 250 -26.91 -9.86 1.21
N PHE A 251 -27.77 -9.23 0.41
CA PHE A 251 -28.20 -9.86 -0.83
C PHE A 251 -27.03 -10.03 -1.80
N ALA A 252 -26.18 -9.02 -1.87
CA ALA A 252 -25.03 -9.04 -2.78
C ALA A 252 -24.08 -10.19 -2.48
N LEU A 253 -23.90 -10.48 -1.19
CA LEU A 253 -23.05 -11.60 -0.79
C LEU A 253 -23.79 -12.93 -1.02
N LYS A 254 -25.05 -13.00 -0.64
CA LYS A 254 -25.81 -14.23 -0.82
C LYS A 254 -25.82 -14.63 -2.28
N GLU A 255 -26.08 -13.64 -3.14
CA GLU A 255 -26.15 -13.87 -4.58
C GLU A 255 -24.83 -14.44 -5.11
N GLN A 256 -23.72 -14.14 -4.43
CA GLN A 256 -22.41 -14.65 -4.84
C GLN A 256 -22.04 -15.99 -4.21
N GLY A 257 -22.98 -16.61 -3.49
CA GLY A 257 -22.69 -17.85 -2.80
C GLY A 257 -21.67 -17.68 -1.68
N LEU A 258 -21.70 -16.53 -1.03
CA LEU A 258 -20.75 -16.24 0.03
C LEU A 258 -21.41 -16.00 1.37
N PRO A 259 -20.78 -16.44 2.47
CA PRO A 259 -21.28 -16.02 3.78
C PRO A 259 -21.08 -14.52 3.93
N LEU A 260 -21.79 -13.91 4.87
CA LEU A 260 -21.76 -12.45 4.95
C LEU A 260 -20.35 -11.87 5.16
N ALA A 261 -19.51 -12.61 5.90
CA ALA A 261 -18.13 -12.16 6.18
C ALA A 261 -17.21 -12.28 4.95
N GLY A 262 -17.69 -12.94 3.90
CA GLY A 262 -16.89 -13.12 2.71
C GLY A 262 -16.11 -14.42 2.75
N SER A 263 -15.28 -14.66 1.73
CA SER A 263 -14.58 -15.94 1.59
C SER A 263 -13.35 -16.06 2.48
N GLN A 264 -13.19 -17.24 3.09
CA GLN A 264 -11.99 -17.59 3.82
C GLN A 264 -11.58 -19.01 3.48
N GLY A 265 -10.28 -19.28 3.41
CA GLY A 265 -9.79 -20.65 3.36
C GLY A 265 -9.80 -21.30 2.00
N ILE A 266 -10.21 -20.56 0.99
CA ILE A 266 -10.16 -21.03 -0.39
C ILE A 266 -9.19 -20.11 -1.14
N TYR A 267 -8.01 -20.64 -1.46
CA TYR A 267 -6.87 -19.81 -1.82
C TYR A 267 -6.64 -19.71 -3.32
N GLN A 268 -6.60 -18.47 -3.80
CA GLN A 268 -6.21 -18.18 -5.17
C GLN A 268 -4.69 -17.95 -5.19
N LEU A 269 -3.98 -18.80 -5.89
CA LEU A 269 -2.52 -18.72 -5.92
C LEU A 269 -2.04 -18.37 -7.31
N LYS A 270 -1.23 -17.31 -7.39
CA LYS A 270 -0.63 -16.91 -8.66
C LYS A 270 0.86 -16.83 -8.42
N ILE A 271 1.52 -17.98 -8.42
CA ILE A 271 2.86 -18.05 -7.89
C ILE A 271 3.90 -18.23 -8.98
N GLY A 272 4.60 -17.15 -9.30
CA GLY A 272 5.69 -17.22 -10.25
C GLY A 272 5.29 -17.20 -11.71
N ASP A 273 4.00 -17.20 -12.01
CA ASP A 273 3.54 -17.01 -13.38
C ASP A 273 3.87 -15.57 -13.81
N SER A 274 3.55 -15.24 -15.06
CA SER A 274 3.77 -13.87 -15.54
C SER A 274 2.49 -13.29 -16.16
N GLN A 275 1.35 -13.82 -15.75
CA GLN A 275 0.05 -13.29 -16.18
C GLN A 275 -0.13 -11.85 -15.71
N ARG A 276 -0.26 -10.92 -16.66
CA ARG A 276 -0.42 -9.50 -16.34
C ARG A 276 -1.89 -9.15 -16.27
N THR A 277 -2.19 -8.07 -15.56
CA THR A 277 -3.56 -7.61 -15.45
C THR A 277 -3.93 -6.73 -16.63
N PRO A 278 -5.06 -7.01 -17.27
CA PRO A 278 -5.47 -6.26 -18.46
C PRO A 278 -5.82 -4.81 -18.14
N ARG A 279 -5.35 -3.91 -18.98
CA ARG A 279 -5.64 -2.48 -18.82
C ARG A 279 -7.07 -2.19 -19.19
N VAL A 280 -7.79 -1.53 -18.29
CA VAL A 280 -9.23 -1.28 -18.41
C VAL A 280 -9.59 0.05 -17.77
N PRO A 281 -10.49 0.82 -18.41
CA PRO A 281 -11.02 2.06 -17.82
C PRO A 281 -12.18 1.79 -16.88
N SER A 282 -12.42 2.67 -15.91
CA SER A 282 -13.54 2.51 -14.98
C SER A 282 -14.87 2.83 -15.64
N ASP A 283 -15.92 2.13 -15.21
CA ASP A 283 -17.29 2.41 -15.65
C ASP A 283 -18.27 2.01 -14.54
N ASP A 284 -19.57 2.13 -14.82
CA ASP A 284 -20.60 1.88 -13.82
C ASP A 284 -20.81 0.38 -13.54
N SER A 285 -19.80 -0.43 -13.82
CA SER A 285 -19.87 -1.86 -13.58
C SER A 285 -18.60 -2.39 -12.94
N THR A 286 -17.51 -1.62 -13.07
CA THR A 286 -16.23 -2.07 -12.56
C THR A 286 -16.17 -2.02 -11.03
N SER A 287 -17.13 -1.36 -10.39
CA SER A 287 -17.16 -1.29 -8.92
C SER A 287 -18.01 -2.38 -8.28
N GLU A 288 -18.69 -3.17 -9.11
CA GLU A 288 -19.62 -4.18 -8.61
C GLU A 288 -18.87 -5.30 -7.89
N TYR A 289 -19.40 -5.71 -6.75
CA TYR A 289 -18.78 -6.80 -6.01
C TYR A 289 -19.28 -8.14 -6.56
N LYS A 290 -18.75 -8.50 -7.73
CA LYS A 290 -19.04 -9.75 -8.40
C LYS A 290 -17.73 -10.30 -8.91
N ASP A 291 -17.70 -11.59 -9.28
CA ASP A 291 -16.50 -12.21 -9.85
C ASP A 291 -15.30 -12.19 -8.91
N MET A 292 -15.35 -13.04 -7.89
CA MET A 292 -14.39 -12.93 -6.78
C MET A 292 -12.93 -13.17 -7.14
N ASP A 293 -12.65 -13.84 -8.26
CA ASP A 293 -11.27 -14.11 -8.62
C ASP A 293 -10.67 -13.02 -9.52
N GLU A 294 -11.49 -12.03 -9.88
CA GLU A 294 -11.04 -10.89 -10.69
C GLU A 294 -10.86 -9.64 -9.81
N PRO A 295 -9.79 -8.86 -10.06
CA PRO A 295 -9.59 -7.63 -9.30
C PRO A 295 -10.69 -6.59 -9.52
N ASP A 296 -10.85 -5.72 -8.52
CA ASP A 296 -11.72 -4.55 -8.58
C ASP A 296 -11.01 -3.48 -9.39
N MET A 297 -11.32 -3.34 -10.68
CA MET A 297 -10.58 -2.40 -11.52
C MET A 297 -10.94 -0.94 -11.26
N SER A 298 -12.09 -0.69 -10.65
CA SER A 298 -12.38 0.67 -10.20
C SER A 298 -11.30 1.09 -9.20
N ASN A 299 -10.99 0.20 -8.26
CA ASN A 299 -9.95 0.55 -7.29
C ASN A 299 -8.55 0.48 -7.85
N VAL A 300 -8.28 -0.49 -8.72
CA VAL A 300 -6.95 -0.56 -9.33
C VAL A 300 -6.67 0.75 -10.06
N ASN A 301 -7.66 1.24 -10.81
CA ASN A 301 -7.47 2.48 -11.55
C ASN A 301 -7.33 3.69 -10.62
N TYR A 302 -8.06 3.66 -9.50
CA TYR A 302 -7.97 4.74 -8.54
C TYR A 302 -6.64 4.73 -7.84
N TRP A 303 -6.15 3.56 -7.44
CA TRP A 303 -4.85 3.48 -6.80
C TRP A 303 -3.77 4.04 -7.75
N ILE A 304 -3.84 3.66 -9.01
CA ILE A 304 -2.86 4.12 -10.00
C ILE A 304 -2.92 5.66 -10.11
N LEU A 305 -4.13 6.20 -10.15
CA LEU A 305 -4.31 7.65 -10.18
C LEU A 305 -3.69 8.37 -8.96
N ARG A 306 -3.82 7.78 -7.78
CA ARG A 306 -3.24 8.38 -6.58
C ARG A 306 -1.70 8.37 -6.58
N PHE A 307 -1.13 7.68 -7.57
CA PHE A 307 0.34 7.73 -7.77
C PHE A 307 0.69 8.57 -9.00
N PHE A 308 -0.18 9.54 -9.30
CA PHE A 308 -0.01 10.43 -10.46
C PHE A 308 1.42 10.98 -10.70
N PRO A 309 2.14 11.39 -9.64
CA PRO A 309 3.52 11.89 -9.84
C PRO A 309 4.47 10.90 -10.53
N PHE A 310 4.13 9.61 -10.47
CA PHE A 310 4.95 8.56 -11.10
C PHE A 310 4.50 8.27 -12.52
N LEU A 311 3.40 8.88 -12.94
CA LEU A 311 2.82 8.63 -14.25
C LEU A 311 3.21 9.68 -15.27
N TYR A 312 3.47 9.23 -16.49
CA TYR A 312 3.69 10.15 -17.59
C TYR A 312 2.42 10.96 -17.89
N PHE A 313 2.61 12.26 -18.11
CA PHE A 313 1.51 13.18 -18.38
C PHE A 313 2.02 14.31 -19.27
N LYS A 314 1.44 14.44 -20.46
CA LYS A 314 1.98 15.33 -21.49
C LYS A 314 2.01 16.80 -21.06
N LEU A 315 1.01 17.20 -20.29
CA LEU A 315 0.85 18.60 -19.93
C LEU A 315 1.98 19.15 -19.06
N ARG A 316 2.78 18.27 -18.46
CA ARG A 316 3.85 18.73 -17.59
C ARG A 316 4.87 19.62 -18.32
N ILE A 317 5.04 19.40 -19.62
CA ILE A 317 5.99 20.24 -20.37
C ILE A 317 5.54 21.70 -20.35
N ASN A 318 4.23 21.93 -20.54
CA ASN A 318 3.66 23.27 -20.47
C ASN A 318 3.74 23.88 -19.07
N TRP A 319 3.48 23.05 -18.06
CA TRP A 319 3.57 23.51 -16.68
C TRP A 319 4.98 24.00 -16.37
N PHE A 320 5.96 23.26 -16.87
CA PHE A 320 7.35 23.59 -16.58
C PHE A 320 7.77 24.84 -17.34
N LYS A 321 7.40 24.89 -18.61
CA LYS A 321 7.78 25.99 -19.50
C LYS A 321 7.18 27.31 -19.04
N ASN A 322 6.02 27.24 -18.39
CA ASN A 322 5.34 28.43 -17.93
C ASN A 322 5.63 28.72 -16.47
N SER A 323 6.40 27.83 -15.84
CA SER A 323 6.72 27.95 -14.42
C SER A 323 5.44 28.03 -13.57
N SER A 324 4.42 27.30 -14.00
CA SER A 324 3.09 27.40 -13.40
C SER A 324 2.99 26.84 -12.00
N LEU A 325 3.93 25.98 -11.61
CA LEU A 325 3.87 25.30 -10.33
C LEU A 325 4.97 25.72 -9.36
N ILE A 326 5.80 26.69 -9.75
CA ILE A 326 6.89 27.14 -8.91
C ILE A 326 6.42 27.53 -7.51
N GLU A 327 5.36 28.32 -7.45
CA GLU A 327 4.81 28.76 -6.17
C GLU A 327 4.28 27.59 -5.33
N SER A 328 3.60 26.66 -5.99
CA SER A 328 3.11 25.44 -5.32
C SER A 328 4.27 24.61 -4.81
N ILE A 329 5.30 24.48 -5.64
CA ILE A 329 6.47 23.71 -5.25
C ILE A 329 7.20 24.34 -4.08
N LEU A 330 7.42 25.64 -4.16
CA LEU A 330 8.12 26.37 -3.11
C LEU A 330 7.26 26.42 -1.84
N GLY A 331 5.96 26.59 -2.04
CA GLY A 331 5.03 26.75 -0.94
C GLY A 331 4.62 25.49 -0.18
N LYS A 332 4.83 24.32 -0.76
CA LYS A 332 4.31 23.12 -0.09
C LYS A 332 5.15 22.76 1.14
N THR A 333 4.45 22.32 2.18
CA THR A 333 5.09 21.95 3.43
C THR A 333 5.30 20.44 3.45
N ARG A 334 6.10 19.97 4.40
CA ARG A 334 6.41 18.55 4.49
C ARG A 334 5.15 17.73 4.78
N MET A 335 4.31 18.23 5.69
CA MET A 335 3.04 17.59 6.01
C MET A 335 1.95 18.66 6.06
N PRO A 336 0.68 18.26 6.14
CA PRO A 336 -0.38 19.25 6.40
C PRO A 336 -0.10 20.00 7.69
N LEU A 337 -0.31 21.31 7.70
CA LEU A 337 0.05 22.13 8.86
C LEU A 337 -0.66 21.69 10.15
N ASP A 338 -1.84 21.08 10.02
CA ASP A 338 -2.59 20.66 11.19
C ASP A 338 -2.31 19.20 11.58
N HIS A 339 -1.33 18.58 10.91
CA HIS A 339 -1.00 17.19 11.19
C HIS A 339 -0.22 17.04 12.50
N GLU A 340 -0.32 15.87 13.11
CA GLU A 340 0.45 15.50 14.31
C GLU A 340 1.94 15.81 14.19
N TYR A 341 2.48 15.71 12.97
CA TYR A 341 3.88 16.02 12.68
C TYR A 341 4.38 17.31 13.35
N TYR A 342 3.54 18.35 13.34
CA TYR A 342 3.97 19.66 13.84
C TYR A 342 3.54 19.92 15.28
N LYS A 343 3.08 18.89 15.97
CA LYS A 343 2.60 19.03 17.35
C LYS A 343 3.58 18.45 18.35
N LYS A 348 8.75 19.07 15.29
CA LYS A 348 9.08 19.67 14.00
C LYS A 348 8.51 21.08 13.89
N GLU A 349 9.11 21.90 13.04
CA GLU A 349 8.63 23.26 12.82
C GLU A 349 8.56 23.59 11.35
N ASP A 353 9.40 32.39 3.08
CA ASP A 353 9.34 32.23 1.64
C ASP A 353 10.73 32.43 1.04
N LEU A 354 11.24 31.40 0.36
CA LEU A 354 12.60 31.44 -0.16
C LEU A 354 12.83 32.64 -1.07
N LEU A 355 11.79 33.05 -1.80
CA LEU A 355 11.93 34.16 -2.75
C LEU A 355 12.14 35.48 -2.03
N ASP A 356 11.59 35.61 -0.83
CA ASP A 356 11.74 36.83 -0.04
C ASP A 356 12.75 36.64 1.08
N SER A 357 13.89 36.04 0.75
CA SER A 357 14.92 35.73 1.74
C SER A 357 16.31 35.73 1.12
N GLU A 358 17.33 35.82 1.96
CA GLU A 358 18.70 35.68 1.49
C GLU A 358 19.23 34.26 1.74
N GLU A 359 18.37 33.38 2.25
CA GLU A 359 18.73 31.97 2.40
C GLU A 359 18.91 31.35 1.01
N VAL A 360 19.87 30.46 0.85
CA VAL A 360 20.10 29.85 -0.46
C VAL A 360 19.09 28.72 -0.69
N ILE A 361 18.97 28.30 -1.94
CA ILE A 361 18.14 27.15 -2.31
C ILE A 361 18.87 25.84 -2.04
N LYS A 362 18.42 25.07 -1.05
CA LYS A 362 19.06 23.81 -0.70
C LYS A 362 18.68 22.69 -1.68
N ASP A 363 19.50 21.65 -1.73
CA ASP A 363 19.22 20.46 -2.55
C ASP A 363 17.79 19.94 -2.34
N THR A 364 17.35 19.89 -1.09
CA THR A 364 16.03 19.32 -0.75
C THR A 364 14.91 20.05 -1.47
N VAL A 365 15.09 21.35 -1.64
CA VAL A 365 14.11 22.16 -2.35
C VAL A 365 14.07 21.82 -3.84
N LEU A 366 15.25 21.54 -4.40
CA LEU A 366 15.34 21.12 -5.79
C LEU A 366 14.80 19.69 -6.01
N GLU A 367 14.66 18.92 -4.94
CA GLU A 367 14.07 17.56 -5.01
C GLU A 367 12.53 17.59 -4.91
N LYS A 368 11.98 18.68 -4.39
CA LYS A 368 10.54 18.81 -4.18
C LYS A 368 9.73 18.77 -5.48
N THR A 369 8.54 18.19 -5.41
CA THR A 369 7.64 18.15 -6.56
C THR A 369 6.21 18.57 -6.22
N PHE A 370 5.50 19.04 -7.23
CA PHE A 370 4.05 19.21 -7.17
C PHE A 370 3.47 18.73 -8.50
N LEU A 371 2.48 17.83 -8.43
CA LEU A 371 1.94 17.24 -9.64
C LEU A 371 3.02 16.55 -10.48
N GLY A 372 4.08 16.11 -9.82
CA GLY A 372 5.16 15.37 -10.49
C GLY A 372 6.21 16.25 -11.12
N THR A 373 6.02 17.56 -11.03
CA THR A 373 6.95 18.53 -11.63
C THR A 373 7.89 19.10 -10.58
N SER A 374 9.16 19.31 -10.95
CA SER A 374 10.11 19.92 -10.02
C SER A 374 10.52 21.31 -10.54
N LEU A 375 11.31 22.02 -9.75
CA LEU A 375 11.83 23.32 -10.22
C LEU A 375 12.77 23.13 -11.42
N GLY A 376 13.42 21.97 -11.51
CA GLY A 376 14.41 21.73 -12.55
C GLY A 376 14.01 20.84 -13.72
N GLN A 377 12.93 20.06 -13.57
CA GLN A 377 12.47 19.18 -14.65
C GLN A 377 10.96 19.19 -14.76
N PRO A 378 10.45 19.05 -15.99
CA PRO A 378 9.00 18.93 -16.16
C PRO A 378 8.45 17.71 -15.41
N TRP A 379 9.19 16.60 -15.40
CA TRP A 379 8.74 15.37 -14.75
C TRP A 379 9.91 14.76 -14.00
N LYS A 380 9.92 14.90 -12.68
CA LYS A 380 11.10 14.51 -11.92
C LYS A 380 11.37 13.01 -12.04
N PHE A 381 10.31 12.22 -12.11
CA PHE A 381 10.47 10.77 -12.15
C PHE A 381 10.94 10.23 -13.51
N GLN A 382 10.87 11.05 -14.55
CA GLN A 382 11.21 10.60 -15.90
C GLN A 382 12.55 9.87 -15.91
N GLY A 383 12.57 8.72 -16.58
CA GLY A 383 13.78 7.91 -16.69
C GLY A 383 14.12 7.06 -15.46
N LYS A 384 13.26 7.08 -14.44
CA LYS A 384 13.56 6.31 -13.24
C LYS A 384 12.66 5.08 -13.18
N ASN A 385 12.90 4.22 -12.20
CA ASN A 385 12.02 3.07 -11.95
C ASN A 385 11.59 3.07 -10.50
N ALA A 386 10.37 2.61 -10.24
CA ALA A 386 9.97 2.34 -8.87
C ALA A 386 8.97 1.18 -8.89
N ILE A 387 8.97 0.40 -7.81
CA ILE A 387 8.07 -0.73 -7.67
C ILE A 387 7.03 -0.46 -6.58
N LEU A 388 5.77 -0.72 -6.89
CA LEU A 388 4.68 -0.57 -5.92
C LEU A 388 4.10 -1.93 -5.62
N VAL A 389 4.10 -2.28 -4.33
CA VAL A 389 3.54 -3.55 -3.88
C VAL A 389 2.38 -3.25 -2.97
N LEU A 390 1.19 -3.74 -3.33
CA LEU A 390 -0.02 -3.41 -2.61
C LEU A 390 -0.72 -4.66 -2.08
N ALA A 391 -0.76 -4.77 -0.76
CA ALA A 391 -1.35 -5.93 -0.10
C ALA A 391 -2.65 -5.48 0.56
N ASN A 392 -3.76 -5.73 -0.12
CA ASN A 392 -5.06 -5.32 0.39
C ASN A 392 -5.85 -6.52 0.90
N ARG A 393 -6.50 -6.39 2.06
CA ARG A 393 -7.29 -7.50 2.55
C ARG A 393 -8.56 -7.68 1.73
N CYS A 394 -9.21 -8.82 1.89
CA CYS A 394 -10.52 -9.07 1.28
C CYS A 394 -11.55 -9.35 2.37
N GLY A 395 -12.78 -9.70 1.98
CA GLY A 395 -13.83 -10.00 2.93
C GLY A 395 -14.67 -8.80 3.32
N THR A 396 -15.49 -8.97 4.36
CA THR A 396 -16.40 -7.91 4.78
C THR A 396 -16.51 -7.90 6.30
N GLU A 397 -16.90 -6.74 6.84
CA GLU A 397 -17.13 -6.60 8.28
C GLU A 397 -18.39 -5.76 8.58
N ASP A 398 -19.04 -6.08 9.69
CA ASP A 398 -20.16 -5.30 10.24
C ASP A 398 -21.42 -5.33 9.37
N GLY A 399 -21.41 -6.14 8.32
CA GLY A 399 -22.50 -6.15 7.35
C GLY A 399 -22.57 -4.88 6.52
N THR A 400 -21.56 -4.03 6.62
CA THR A 400 -21.56 -2.72 5.96
C THR A 400 -20.35 -2.48 5.07
N THR A 401 -19.27 -3.21 5.35
CA THR A 401 -17.97 -2.82 4.85
C THR A 401 -17.36 -3.95 4.04
N ILE A 402 -17.21 -3.73 2.74
CA ILE A 402 -16.65 -4.73 1.85
C ILE A 402 -15.27 -4.31 1.38
N PHE A 403 -14.26 -5.10 1.73
CA PHE A 403 -12.89 -4.75 1.32
C PHE A 403 -12.65 -5.21 -0.11
N ALA A 404 -11.80 -4.48 -0.83
CA ALA A 404 -11.71 -4.62 -2.27
C ALA A 404 -10.77 -5.73 -2.74
N GLY A 405 -10.00 -6.34 -1.82
CA GLY A 405 -8.96 -7.25 -2.22
C GLY A 405 -8.09 -6.68 -3.33
N SER A 406 -7.81 -7.49 -4.36
CA SER A 406 -7.15 -7.03 -5.58
C SER A 406 -5.69 -6.62 -5.35
N SER A 407 -5.05 -7.28 -4.39
CA SER A 407 -3.63 -7.09 -4.11
C SER A 407 -2.85 -7.24 -5.42
N GLY A 408 -1.78 -6.47 -5.56
CA GLY A 408 -1.10 -6.44 -6.84
C GLY A 408 0.29 -5.86 -6.75
N ILE A 409 1.01 -6.02 -7.85
CA ILE A 409 2.37 -5.54 -7.96
C ILE A 409 2.46 -4.71 -9.22
N TYR A 410 3.12 -3.56 -9.12
CA TYR A 410 3.16 -2.59 -10.20
C TYR A 410 4.58 -2.08 -10.40
N LYS A 411 4.91 -1.74 -11.64
CA LYS A 411 6.19 -1.10 -11.94
C LYS A 411 5.91 0.24 -12.63
N PHE A 412 6.48 1.31 -12.09
CA PHE A 412 6.48 2.59 -12.77
C PHE A 412 7.80 2.66 -13.52
N ASN A 413 7.73 2.78 -14.84
CA ASN A 413 8.93 2.61 -15.66
C ASN A 413 9.58 3.91 -16.10
N GLY A 414 8.93 5.03 -15.79
CA GLY A 414 9.49 6.36 -16.06
C GLY A 414 9.63 6.69 -17.54
N LYS A 415 8.90 5.96 -18.38
CA LYS A 415 9.05 6.11 -19.82
C LYS A 415 8.05 7.09 -20.41
N LYS A 416 8.51 7.91 -21.35
CA LYS A 416 7.64 8.80 -22.11
C LYS A 416 7.14 8.09 -23.37
N SER A 426 -1.61 9.84 -22.08
CA SER A 426 -1.80 10.54 -20.81
C SER A 426 -3.17 10.28 -20.21
N SER A 427 -3.54 9.01 -20.16
CA SER A 427 -4.71 8.57 -19.42
C SER A 427 -4.36 8.59 -17.93
N LEU A 428 -5.36 8.72 -17.08
CA LEU A 428 -5.07 8.79 -15.65
C LEU A 428 -5.48 7.50 -14.97
N ASP A 429 -5.27 6.38 -15.65
CA ASP A 429 -5.69 5.08 -15.14
C ASP A 429 -4.77 3.98 -15.67
N SER A 430 -5.23 2.73 -15.64
CA SER A 430 -4.40 1.60 -16.05
C SER A 430 -4.08 1.59 -17.55
N LEU A 431 -4.69 2.47 -18.33
CA LEU A 431 -4.35 2.59 -19.75
C LEU A 431 -3.01 3.29 -19.96
N ASN A 432 -2.55 4.01 -18.94
CA ASN A 432 -1.26 4.70 -19.05
C ASN A 432 -0.10 3.74 -19.04
N GLU A 433 0.67 3.72 -20.12
CA GLU A 433 1.67 2.66 -20.28
C GLU A 433 2.98 2.96 -19.56
N SER A 434 3.02 4.06 -18.79
CA SER A 434 4.15 4.28 -17.90
C SER A 434 3.98 3.52 -16.58
N VAL A 435 2.84 2.87 -16.40
CA VAL A 435 2.75 1.92 -15.30
C VAL A 435 2.54 0.53 -15.90
N GLU A 436 3.19 -0.46 -15.29
CA GLU A 436 3.06 -1.86 -15.71
C GLU A 436 2.33 -2.66 -14.65
N LEU A 437 1.24 -3.31 -15.04
CA LEU A 437 0.48 -4.11 -14.09
C LEU A 437 0.98 -5.55 -14.10
N LEU A 438 1.92 -5.85 -13.22
CA LEU A 438 2.62 -7.13 -13.23
C LEU A 438 1.80 -8.31 -12.71
N GLY A 439 0.66 -8.04 -12.07
CA GLY A 439 -0.22 -9.10 -11.62
C GLY A 439 -1.09 -8.69 -10.45
N ASN A 440 -2.33 -9.18 -10.41
CA ASN A 440 -3.27 -8.93 -9.29
C ASN A 440 -3.99 -10.19 -8.86
N LEU A 441 -4.31 -10.28 -7.58
CA LEU A 441 -5.28 -11.24 -7.11
C LEU A 441 -6.70 -10.71 -7.32
N GLY A 442 -7.69 -11.57 -7.09
CA GLY A 442 -9.07 -11.16 -7.19
C GLY A 442 -9.53 -10.29 -6.02
N LYS A 443 -10.73 -9.76 -6.13
CA LYS A 443 -11.30 -8.86 -5.12
C LYS A 443 -11.83 -9.58 -3.89
N GLY A 444 -12.06 -10.89 -4.01
CA GLY A 444 -12.80 -11.60 -2.98
C GLY A 444 -12.20 -12.84 -2.33
N LEU A 445 -11.08 -13.33 -2.84
CA LEU A 445 -10.53 -14.57 -2.31
C LEU A 445 -9.24 -14.35 -1.54
N GLU A 446 -9.07 -15.10 -0.46
CA GLU A 446 -7.76 -15.17 0.18
C GLU A 446 -6.78 -15.82 -0.79
N GLY A 447 -5.50 -15.51 -0.65
CA GLY A 447 -4.52 -16.16 -1.50
C GLY A 447 -3.15 -15.49 -1.49
N ALA A 448 -2.40 -15.71 -2.57
CA ALA A 448 -1.07 -15.14 -2.63
C ALA A 448 -0.64 -14.96 -4.06
N ILE A 449 0.15 -13.92 -4.31
CA ILE A 449 0.73 -13.71 -5.62
C ILE A 449 2.23 -13.49 -5.50
N LEU A 450 2.99 -14.21 -6.32
CA LEU A 450 4.43 -14.05 -6.38
C LEU A 450 4.84 -13.59 -7.78
N ARG A 451 5.65 -12.54 -7.84
CA ARG A 451 6.17 -12.07 -9.11
C ARG A 451 7.65 -11.74 -8.95
N GLU A 452 8.45 -12.15 -9.92
CA GLU A 452 9.81 -11.68 -10.03
C GLU A 452 9.74 -10.32 -10.70
N VAL A 453 10.27 -9.29 -10.05
CA VAL A 453 10.17 -7.95 -10.60
C VAL A 453 11.56 -7.45 -10.96
N GLN A 454 11.70 -6.98 -12.19
CA GLN A 454 12.97 -6.46 -12.66
C GLN A 454 12.87 -4.98 -12.98
N PHE A 455 13.84 -4.21 -12.48
CA PHE A 455 13.84 -2.77 -12.61
C PHE A 455 15.26 -2.30 -12.36
N GLU A 456 15.50 -1.01 -12.55
CA GLU A 456 16.84 -0.48 -12.34
C GLU A 456 16.85 0.67 -11.35
N VAL A 457 18.00 0.82 -10.69
CA VAL A 457 18.26 1.94 -9.82
C VAL A 457 19.60 2.54 -10.20
N PHE A 458 19.92 3.70 -9.63
CA PHE A 458 21.17 4.38 -9.94
C PHE A 458 21.95 4.66 -8.67
N ARG A 459 23.25 4.36 -8.70
CA ARG A 459 24.07 4.42 -7.50
C ARG A 459 25.36 5.18 -7.74
N GLN B . -9.02 5.43 2.34
CA GLN B . -9.51 4.08 2.62
C GLN B . -10.67 3.74 1.68
O GLN B . -11.04 2.56 1.52
CB GLN B . -9.98 3.98 4.08
CG GLN B . -9.83 2.59 4.72
CD GLN B . -8.54 2.46 5.50
OE1 GLN B . -7.92 3.45 5.90
NE2 GLN B . -8.11 1.22 5.72
HA GLN B . -8.80 3.44 2.48
N VAL C . -11.23 4.77 1.05
CA VAL C . -12.34 4.63 0.13
C VAL C . -12.41 5.82 -0.84
O VAL C . -11.42 6.54 -1.03
CB VAL C . -13.69 4.47 0.86
CG1 VAL C . -14.04 5.72 1.67
CG2 VAL C . -14.82 4.16 -0.14
#